data_5T5D
#
_entry.id   5T5D
#
_cell.length_a   42.503
_cell.length_b   42.503
_cell.length_c   292.922
_cell.angle_alpha   90.00
_cell.angle_beta   90.00
_cell.angle_gamma   120.00
#
_symmetry.space_group_name_H-M   'P 65 2 2'
#
loop_
_entity.id
_entity.type
_entity.pdbx_description
1 polymer 'PTS system, IIB component'
2 water water
#
_entity_poly.entity_id   1
_entity_poly.type   'polypeptide(L)'
_entity_poly.pdbx_seq_one_letter_code
;GSHMASSIEFVRIDDRLVHGQVVTTWLKKYDIEQVIIVNDRISEDKTRQSILKISAPVGLKIVFFSVKRFVEVLNSVPIK
KRTMLIYTNPKDVYDSIEGNLKLEYLNVGQMSKTEENEKVTGGVALGEEDKYYFKKIVDKGTRVEIQMVPNDKVTMLEKF
L
;
_entity_poly.pdbx_strand_id   A
#
# COMPACT_ATOMS: atom_id res chain seq x y z
N SER A 7 5.38 -0.27 -14.18
CA SER A 7 5.03 1.14 -13.95
C SER A 7 4.26 1.30 -12.63
N ILE A 8 4.71 0.60 -11.60
CA ILE A 8 4.25 0.87 -10.25
C ILE A 8 4.82 2.22 -9.85
N GLU A 9 3.94 3.18 -9.61
CA GLU A 9 4.35 4.54 -9.34
C GLU A 9 4.46 4.84 -7.86
N PHE A 10 3.78 4.06 -7.03
CA PHE A 10 3.52 4.44 -5.66
C PHE A 10 2.95 3.24 -4.95
N VAL A 11 3.49 2.93 -3.78
CA VAL A 11 2.96 1.83 -2.99
C VAL A 11 2.74 2.35 -1.58
N ARG A 12 1.59 2.02 -1.01
CA ARG A 12 1.21 2.65 0.23
C ARG A 12 0.54 1.62 1.12
N ILE A 13 0.81 1.70 2.42
CA ILE A 13 0.11 0.90 3.42
C ILE A 13 -0.97 1.80 4.00
N ASP A 14 -2.23 1.37 3.89
CA ASP A 14 -3.31 2.22 4.39
C ASP A 14 -4.48 1.34 4.77
N ASP A 15 -4.92 1.46 6.02
CA ASP A 15 -6.14 0.80 6.47
C ASP A 15 -7.40 1.36 5.82
N ARG A 16 -7.43 2.65 5.49
CA ARG A 16 -8.63 3.16 4.83
C ARG A 16 -8.74 2.65 3.40
N LEU A 17 -7.60 2.39 2.75
CA LEU A 17 -7.52 1.98 1.35
C LEU A 17 -8.03 3.10 0.45
N VAL A 18 -9.10 2.86 -0.31
CA VAL A 18 -9.64 3.86 -1.22
C VAL A 18 -10.78 4.65 -0.57
N HIS A 19 -10.81 4.73 0.77
CA HIS A 19 -11.86 5.45 1.47
C HIS A 19 -11.48 6.91 1.67
N GLY A 20 -12.26 7.81 1.09
CA GLY A 20 -12.22 9.20 1.46
C GLY A 20 -11.50 10.06 0.45
N GLN A 21 -11.20 11.28 0.91
CA GLN A 21 -10.41 12.20 0.12
C GLN A 21 -8.92 11.97 0.28
N VAL A 22 -8.52 11.09 1.20
CA VAL A 22 -7.10 10.89 1.47
C VAL A 22 -6.42 10.30 0.23
N VAL A 23 -6.98 9.22 -0.32
CA VAL A 23 -6.30 8.55 -1.41
C VAL A 23 -6.28 9.41 -2.68
N THR A 24 -7.31 10.22 -2.91
CA THR A 24 -7.42 10.92 -4.19
C THR A 24 -6.33 11.98 -4.34
N THR A 25 -5.86 12.57 -3.24
CA THR A 25 -4.68 13.43 -3.31
C THR A 25 -3.50 12.68 -3.91
N TRP A 26 -3.33 11.41 -3.53
CA TRP A 26 -2.23 10.62 -4.05
C TRP A 26 -2.47 10.22 -5.50
N LEU A 27 -3.72 9.92 -5.87
CA LEU A 27 -4.02 9.60 -7.26
C LEU A 27 -3.83 10.80 -8.19
N LYS A 28 -4.09 12.01 -7.71
CA LYS A 28 -3.77 13.19 -8.50
C LYS A 28 -2.27 13.39 -8.59
N LYS A 29 -1.58 13.30 -7.44
CA LYS A 29 -0.16 13.63 -7.39
C LYS A 29 0.63 12.72 -8.31
N TYR A 30 0.40 11.41 -8.23
CA TYR A 30 1.09 10.43 -9.06
C TYR A 30 0.36 10.16 -10.38
N ASP A 31 -0.72 10.90 -10.66
CA ASP A 31 -1.50 10.74 -11.88
C ASP A 31 -1.83 9.26 -12.12
N ILE A 32 -2.49 8.69 -11.11
CA ILE A 32 -2.72 7.25 -11.05
C ILE A 32 -3.88 6.89 -11.97
N GLU A 33 -3.69 5.84 -12.77
CA GLU A 33 -4.73 5.30 -13.63
C GLU A 33 -5.32 4.00 -13.10
N GLN A 34 -4.68 3.38 -12.13
CA GLN A 34 -5.04 2.04 -11.72
C GLN A 34 -4.59 1.85 -10.28
N VAL A 35 -5.50 1.41 -9.41
CA VAL A 35 -5.17 0.96 -8.06
C VAL A 35 -5.30 -0.55 -7.98
N ILE A 36 -4.25 -1.20 -7.48
CA ILE A 36 -4.28 -2.61 -7.13
C ILE A 36 -4.24 -2.70 -5.61
N ILE A 37 -5.30 -3.25 -5.03
CA ILE A 37 -5.31 -3.53 -3.61
C ILE A 37 -4.76 -4.94 -3.45
N VAL A 38 -3.61 -5.05 -2.77
CA VAL A 38 -2.93 -6.33 -2.58
C VAL A 38 -3.18 -6.76 -1.14
N ASN A 39 -4.13 -7.68 -0.96
CA ASN A 39 -4.56 -8.13 0.35
C ASN A 39 -5.28 -9.48 0.21
N ASP A 40 -4.94 -10.45 1.07
CA ASP A 40 -5.52 -11.79 0.95
C ASP A 40 -7.02 -11.78 1.28
N ARG A 41 -7.37 -11.20 2.41
CA ARG A 41 -8.76 -11.20 2.87
C ARG A 41 -9.67 -10.51 1.86
N ILE A 42 -9.31 -9.29 1.45
CA ILE A 42 -10.13 -8.54 0.50
C ILE A 42 -10.21 -9.27 -0.83
N SER A 43 -9.10 -9.81 -1.29
CA SER A 43 -9.10 -10.66 -2.47
C SER A 43 -10.08 -11.80 -2.33
N GLU A 44 -10.32 -12.25 -1.10
CA GLU A 44 -11.30 -13.30 -0.86
C GLU A 44 -12.74 -12.76 -0.84
N ASP A 45 -12.94 -11.51 -0.41
CA ASP A 45 -14.24 -11.05 0.05
C ASP A 45 -14.91 -10.12 -0.97
N LYS A 46 -15.92 -10.66 -1.66
CA LYS A 46 -16.62 -9.89 -2.67
C LYS A 46 -17.41 -8.73 -2.06
N THR A 47 -17.90 -8.89 -0.84
CA THR A 47 -18.66 -7.80 -0.21
C THR A 47 -17.77 -6.57 -0.02
N ARG A 48 -16.57 -6.75 0.52
CA ARG A 48 -15.73 -5.59 0.73
C ARG A 48 -15.16 -5.08 -0.60
N GLN A 49 -15.00 -5.96 -1.58
CA GLN A 49 -14.61 -5.50 -2.91
C GLN A 49 -15.68 -4.61 -3.52
N SER A 50 -16.95 -5.01 -3.38
CA SER A 50 -18.07 -4.20 -3.86
C SER A 50 -18.14 -2.86 -3.16
N ILE A 51 -17.92 -2.84 -1.84
CA ILE A 51 -17.97 -1.55 -1.16
C ILE A 51 -16.84 -0.65 -1.65
N LEU A 52 -15.63 -1.21 -1.78
CA LEU A 52 -14.50 -0.40 -2.24
C LEU A 52 -14.69 0.06 -3.69
N LYS A 53 -15.22 -0.80 -4.56
CA LYS A 53 -15.57 -0.36 -5.91
C LYS A 53 -16.62 0.76 -5.89
N ILE A 54 -17.59 0.67 -4.99
CA ILE A 54 -18.61 1.70 -4.90
C ILE A 54 -18.02 3.03 -4.44
N SER A 55 -16.97 2.99 -3.62
CA SER A 55 -16.37 4.21 -3.08
C SER A 55 -15.26 4.81 -3.94
N ALA A 56 -14.87 4.16 -5.05
CA ALA A 56 -13.73 4.66 -5.80
C ALA A 56 -14.12 5.82 -6.72
N PRO A 57 -13.20 6.78 -6.97
CA PRO A 57 -13.51 7.90 -7.86
C PRO A 57 -13.86 7.47 -9.28
N VAL A 58 -14.25 8.44 -10.12
CA VAL A 58 -14.93 8.13 -11.37
C VAL A 58 -14.04 7.31 -12.31
N GLY A 59 -12.86 7.81 -12.65
CA GLY A 59 -12.12 7.18 -13.71
C GLY A 59 -11.13 6.10 -13.30
N LEU A 60 -11.25 5.56 -12.09
CA LEU A 60 -10.20 4.70 -11.56
C LEU A 60 -10.54 3.22 -11.80
N LYS A 61 -9.64 2.52 -12.49
CA LYS A 61 -9.67 1.06 -12.50
C LYS A 61 -9.09 0.52 -11.20
N ILE A 62 -9.81 -0.40 -10.56
CA ILE A 62 -9.40 -0.98 -9.30
C ILE A 62 -9.38 -2.49 -9.45
N VAL A 63 -8.28 -3.10 -9.07
CA VAL A 63 -8.18 -4.54 -9.17
C VAL A 63 -7.78 -5.04 -7.79
N PHE A 64 -8.20 -6.26 -7.46
CA PHE A 64 -7.89 -6.85 -6.16
C PHE A 64 -7.07 -8.12 -6.36
N PHE A 65 -5.97 -8.24 -5.63
CA PHE A 65 -5.13 -9.43 -5.72
C PHE A 65 -4.78 -9.91 -4.32
N SER A 66 -4.70 -11.23 -4.16
CA SER A 66 -3.97 -11.73 -3.02
C SER A 66 -2.47 -11.50 -3.25
N VAL A 67 -1.69 -11.59 -2.18
CA VAL A 67 -0.24 -11.47 -2.34
C VAL A 67 0.28 -12.47 -3.36
N LYS A 68 -0.07 -13.75 -3.19
CA LYS A 68 0.37 -14.81 -4.10
C LYS A 68 0.11 -14.44 -5.57
N ARG A 69 -1.15 -14.12 -5.88
CA ARG A 69 -1.54 -13.78 -7.25
C ARG A 69 -0.83 -12.55 -7.76
N PHE A 70 -0.64 -11.56 -6.88
CA PHE A 70 0.02 -10.34 -7.33
C PHE A 70 1.46 -10.59 -7.68
N VAL A 71 2.17 -11.36 -6.85
CA VAL A 71 3.54 -11.74 -7.15
C VAL A 71 3.59 -12.46 -8.50
N GLU A 72 2.67 -13.40 -8.71
CA GLU A 72 2.61 -14.10 -9.99
C GLU A 72 2.46 -13.14 -11.17
N VAL A 73 1.51 -12.21 -11.06
CA VAL A 73 1.28 -11.23 -12.13
C VAL A 73 2.52 -10.39 -12.34
N LEU A 74 3.06 -9.84 -11.25
CA LEU A 74 4.27 -9.03 -11.26
C LEU A 74 5.37 -9.70 -12.08
N ASN A 75 5.54 -11.01 -11.91
CA ASN A 75 6.57 -11.73 -12.64
C ASN A 75 6.14 -12.25 -14.00
N SER A 76 4.87 -12.14 -14.36
CA SER A 76 4.38 -12.72 -15.60
C SER A 76 3.81 -11.71 -16.58
N VAL A 77 3.50 -10.49 -16.15
CA VAL A 77 2.79 -9.50 -16.94
C VAL A 77 3.46 -8.14 -16.78
N PRO A 78 3.74 -7.42 -17.86
CA PRO A 78 4.16 -6.02 -17.70
C PRO A 78 2.96 -5.18 -17.32
N ILE A 79 3.21 -4.14 -16.53
CA ILE A 79 2.17 -3.29 -16.01
C ILE A 79 2.27 -1.95 -16.73
N LYS A 80 1.28 -1.68 -17.60
CA LYS A 80 1.33 -0.51 -18.45
C LYS A 80 0.77 0.72 -17.73
N LYS A 81 -0.47 0.63 -17.26
CA LYS A 81 -1.13 1.78 -16.64
C LYS A 81 -0.31 2.28 -15.45
N ARG A 82 -0.39 3.60 -15.20
CA ARG A 82 0.21 4.16 -13.98
C ARG A 82 -0.52 3.60 -12.76
N THR A 83 0.19 2.81 -11.95
CA THR A 83 -0.42 1.98 -10.92
C THR A 83 -0.01 2.37 -9.51
N MET A 84 -0.99 2.36 -8.62
CA MET A 84 -0.79 2.53 -7.20
C MET A 84 -1.17 1.20 -6.55
N LEU A 85 -0.28 0.63 -5.75
CA LEU A 85 -0.60 -0.53 -4.93
C LEU A 85 -0.91 -0.09 -3.51
N ILE A 86 -2.01 -0.61 -2.96
CA ILE A 86 -2.39 -0.35 -1.58
C ILE A 86 -2.38 -1.67 -0.84
N TYR A 87 -1.64 -1.69 0.27
CA TYR A 87 -1.55 -2.79 1.24
C TYR A 87 -2.16 -2.32 2.56
N THR A 88 -2.41 -3.26 3.46
CA THR A 88 -2.88 -2.94 4.80
C THR A 88 -1.88 -3.28 5.90
N ASN A 89 -0.72 -3.87 5.59
CA ASN A 89 0.23 -4.35 6.59
C ASN A 89 1.59 -4.47 5.94
N PRO A 90 2.68 -4.36 6.70
CA PRO A 90 4.01 -4.48 6.09
C PRO A 90 4.40 -5.92 5.72
N LYS A 91 3.82 -6.92 6.37
CA LYS A 91 4.13 -8.31 6.02
C LYS A 91 3.85 -8.60 4.53
N ASP A 92 2.66 -8.24 4.03
CA ASP A 92 2.39 -8.45 2.60
C ASP A 92 3.32 -7.67 1.68
N VAL A 93 3.79 -6.50 2.12
CA VAL A 93 4.78 -5.76 1.35
C VAL A 93 6.09 -6.53 1.31
N TYR A 94 6.56 -7.00 2.47
CA TYR A 94 7.83 -7.74 2.47
C TYR A 94 7.72 -9.00 1.61
N ASP A 95 6.58 -9.71 1.70
CA ASP A 95 6.42 -10.93 0.90
C ASP A 95 6.40 -10.58 -0.58
N SER A 96 5.85 -9.42 -0.94
CA SER A 96 5.96 -8.94 -2.33
C SER A 96 7.40 -8.61 -2.71
N ILE A 97 8.20 -8.12 -1.77
CA ILE A 97 9.59 -7.82 -2.07
C ILE A 97 10.35 -9.11 -2.37
N GLU A 98 10.13 -10.14 -1.55
CA GLU A 98 10.73 -11.44 -1.85
C GLU A 98 10.24 -11.98 -3.19
N GLY A 99 9.02 -11.60 -3.58
CA GLY A 99 8.53 -11.91 -4.91
C GLY A 99 9.03 -10.98 -6.01
N ASN A 100 10.09 -10.23 -5.72
CA ASN A 100 10.81 -9.38 -6.68
C ASN A 100 10.14 -8.03 -6.95
N LEU A 101 9.37 -7.50 -6.00
CA LEU A 101 8.93 -6.12 -6.13
C LEU A 101 10.10 -5.22 -5.76
N LYS A 102 10.57 -4.42 -6.71
CA LYS A 102 11.63 -3.46 -6.41
C LYS A 102 10.98 -2.28 -5.69
N LEU A 103 11.37 -2.05 -4.44
CA LEU A 103 10.73 -1.04 -3.61
C LEU A 103 11.81 -0.15 -3.00
N GLU A 104 12.03 1.01 -3.60
CA GLU A 104 12.95 1.98 -3.03
C GLU A 104 12.27 2.84 -1.95
N TYR A 105 10.98 3.10 -2.11
CA TYR A 105 10.25 4.04 -1.28
C TYR A 105 8.91 3.43 -0.94
N LEU A 106 8.54 3.44 0.33
CA LEU A 106 7.28 2.87 0.78
C LEU A 106 6.58 3.90 1.66
N ASN A 107 5.38 4.30 1.26
CA ASN A 107 4.59 5.25 2.02
C ASN A 107 3.64 4.51 2.95
N VAL A 108 3.54 4.97 4.18
CA VAL A 108 2.59 4.41 5.15
C VAL A 108 1.54 5.47 5.46
N GLY A 109 0.29 5.17 5.10
CA GLY A 109 -0.83 6.02 5.45
C GLY A 109 -1.32 5.83 6.88
N GLN A 110 -2.36 5.03 7.02
CA GLN A 110 -3.02 4.81 8.31
C GLN A 110 -2.92 3.34 8.69
N MET A 111 -2.55 3.09 9.94
CA MET A 111 -2.61 1.77 10.56
C MET A 111 -3.32 1.89 11.90
N SER A 112 -4.39 1.14 12.07
CA SER A 112 -5.28 1.34 13.20
C SER A 112 -4.87 0.57 14.46
N GLU A 118 1.23 0.08 21.27
CA GLU A 118 0.50 0.07 20.00
C GLU A 118 0.73 1.37 19.25
N LYS A 119 0.40 2.50 19.87
CA LYS A 119 0.53 3.79 19.20
C LYS A 119 2.00 4.17 19.04
N VAL A 120 2.33 4.66 17.83
CA VAL A 120 3.67 5.14 17.50
C VAL A 120 3.66 6.60 17.07
N THR A 121 2.82 6.92 16.07
CA THR A 121 2.60 8.29 15.64
C THR A 121 1.14 8.48 15.31
N GLY A 122 0.75 9.71 15.07
CA GLY A 122 -0.62 10.02 14.73
C GLY A 122 -1.05 9.41 13.41
N GLY A 123 -1.54 8.17 13.46
CA GLY A 123 -2.03 7.50 12.27
C GLY A 123 -1.55 6.07 12.11
N VAL A 124 -0.44 5.73 12.76
CA VAL A 124 0.20 4.42 12.63
C VAL A 124 0.27 3.78 14.01
N ALA A 125 -0.36 2.62 14.17
CA ALA A 125 -0.27 1.81 15.37
C ALA A 125 0.34 0.48 15.00
N LEU A 126 1.47 0.15 15.63
CA LEU A 126 2.29 -0.99 15.22
C LEU A 126 2.23 -2.10 16.26
N GLY A 127 2.13 -3.33 15.78
CA GLY A 127 2.23 -4.50 16.64
C GLY A 127 3.64 -5.08 16.63
N GLU A 128 3.76 -6.28 17.20
CA GLU A 128 5.02 -7.01 17.17
C GLU A 128 5.36 -7.47 15.76
N GLU A 129 4.39 -8.12 15.09
CA GLU A 129 4.57 -8.50 13.69
C GLU A 129 4.91 -7.28 12.81
N ASP A 130 4.16 -6.19 12.99
CA ASP A 130 4.43 -5.00 12.17
C ASP A 130 5.86 -4.52 12.34
N LYS A 131 6.30 -4.34 13.60
CA LYS A 131 7.66 -3.89 13.82
C LYS A 131 8.67 -4.86 13.22
N TYR A 132 8.39 -6.17 13.32
CA TYR A 132 9.28 -7.15 12.70
C TYR A 132 9.41 -6.92 11.20
N TYR A 133 8.29 -6.88 10.50
CA TYR A 133 8.37 -6.81 9.04
C TYR A 133 8.83 -5.44 8.55
N PHE A 134 8.37 -4.37 9.19
CA PHE A 134 8.91 -3.05 8.89
C PHE A 134 10.42 -3.05 9.03
N LYS A 135 10.94 -3.70 10.07
CA LYS A 135 12.39 -3.78 10.22
C LYS A 135 13.01 -4.55 9.06
N LYS A 136 12.35 -5.61 8.60
CA LYS A 136 12.89 -6.31 7.43
C LYS A 136 12.86 -5.43 6.17
N ILE A 137 11.85 -4.57 6.03
CA ILE A 137 11.76 -3.70 4.86
C ILE A 137 12.86 -2.66 4.90
N VAL A 138 12.99 -1.97 6.04
CA VAL A 138 14.05 -0.97 6.16
C VAL A 138 15.41 -1.63 6.00
N ASP A 139 15.54 -2.89 6.41
CA ASP A 139 16.81 -3.59 6.23
C ASP A 139 17.09 -3.87 4.75
N LYS A 140 16.08 -4.21 3.98
CA LYS A 140 16.31 -4.44 2.56
C LYS A 140 16.63 -3.15 1.77
N GLY A 141 16.91 -2.02 2.42
CA GLY A 141 17.20 -0.78 1.72
C GLY A 141 16.03 0.17 1.52
N THR A 142 14.79 -0.30 1.68
CA THR A 142 13.62 0.51 1.38
C THR A 142 13.50 1.73 2.31
N ARG A 143 13.22 2.89 1.71
CA ARG A 143 12.98 4.11 2.49
C ARG A 143 11.50 4.20 2.84
N VAL A 144 11.20 4.34 4.14
CA VAL A 144 9.83 4.15 4.62
C VAL A 144 9.36 5.43 5.30
N GLU A 145 8.25 5.97 4.83
CA GLU A 145 7.79 7.27 5.28
C GLU A 145 6.33 7.21 5.71
N ILE A 146 6.09 7.68 6.93
CA ILE A 146 4.73 7.93 7.41
C ILE A 146 4.31 9.29 6.89
N GLN A 147 3.23 9.33 6.14
CA GLN A 147 2.69 10.59 5.64
C GLN A 147 1.29 10.36 5.10
N MET A 148 0.30 10.98 5.73
CA MET A 148 -1.09 10.73 5.36
C MET A 148 -1.42 11.37 4.04
N VAL A 149 -0.92 12.59 3.83
CA VAL A 149 -1.31 13.44 2.70
C VAL A 149 -0.07 14.12 2.13
N PRO A 150 -0.05 14.31 0.81
CA PRO A 150 1.13 14.98 0.20
C PRO A 150 1.59 16.25 0.90
N ASN A 151 0.67 17.01 1.51
CA ASN A 151 1.01 18.22 2.23
C ASN A 151 1.31 17.98 3.71
N ASP A 152 1.15 16.74 4.16
CA ASP A 152 1.38 16.39 5.55
C ASP A 152 2.88 16.35 5.82
N LYS A 153 3.23 16.41 7.12
CA LYS A 153 4.61 16.24 7.56
C LYS A 153 5.04 14.78 7.45
N VAL A 154 6.22 14.57 6.89
CA VAL A 154 6.85 13.26 6.80
C VAL A 154 7.51 12.93 8.13
N THR A 155 7.30 11.71 8.63
CA THR A 155 8.15 11.18 9.69
C THR A 155 8.68 9.80 9.28
N MET A 156 9.98 9.60 9.44
CA MET A 156 10.60 8.33 9.02
C MET A 156 10.28 7.25 10.03
N LEU A 157 9.81 6.10 9.55
CA LEU A 157 9.31 5.10 10.49
C LEU A 157 10.45 4.42 11.25
N GLU A 158 11.63 4.32 10.64
CA GLU A 158 12.83 3.83 11.31
C GLU A 158 12.99 4.43 12.72
N LYS A 159 12.54 5.68 12.90
CA LYS A 159 12.50 6.36 14.18
C LYS A 159 12.02 5.48 15.33
N PHE A 160 10.97 4.68 15.09
CA PHE A 160 10.35 3.84 16.11
C PHE A 160 10.84 2.38 16.08
N LEU A 161 11.67 2.01 15.12
CA LEU A 161 12.12 0.63 15.00
C LEU A 161 13.26 0.30 15.97
#